data_9BOR
#
_entry.id   9BOR
#
_cell.length_a   51.415
_cell.length_b   58.931
_cell.length_c   108.806
_cell.angle_alpha   90.00
_cell.angle_beta   99.15
_cell.angle_gamma   90.00
#
_symmetry.space_group_name_H-M   'P 1 21 1'
#
loop_
_entity.id
_entity.type
_entity.pdbx_description
1 polymer 'NF-kappa-B inhibitor zeta'
2 polymer 'Nuclear factor NF-kappa-B p50 subunit'
3 non-polymer (2R,3S)-heptane-1,2,3-triol
4 water water
#
loop_
_entity_poly.entity_id
_entity_poly.type
_entity_poly.pdbx_seq_one_letter_code
_entity_poly.pdbx_strand_id
1 'polypeptide(L)'
;MGNPMNTTQLGKSLFQWQVEQEESKLANISQDQFLSKDADGDTFLHIAVAQGRRALSYVLARKMNALHMLDIKEHNGQSA
FQVAVAANQHLIVQDLVNIGAQVNTTDCWGRTPLHVCAEKGHSQVLQAIQKGAVGSNQFVDLEATNYDGLTPLHCAVIAH
NAVVHELQRNQQPHSPEVQELLLKNKSLVDTIKCLIQMGAAVEAKDRKSGRTALHLAAEEANLELIRLFLELPSCLSFVN
AKAYNGNTALHVAASLQYRLTQLDAVRLLMRKGADPSTRNLENEQPVHLVPDGPVGEQIRRILKGKSIQQRAPPY
;
A
2 'polypeptide(L)'
;ASNLKIVRMDRTAGCVTGGEEIYLLCDKVQKDDIQIRFYEEEENGGVWEGFGDFSPTDVHRQFAIVFKTPKYKDVNITKP
ASVFVQLRRKSDLETSEPKPFLYYPEIKDKEEVQRKRQKLMPNFSDSFGGGS
;
B,C
#
loop_
_chem_comp.id
_chem_comp.type
_chem_comp.name
_chem_comp.formula
HT3 non-polymer (2R,3S)-heptane-1,2,3-triol 'C7 H16 O3'
#
# COMPACT_ATOMS: atom_id res chain seq x y z
N LYS A 12 13.57 -9.47 -42.79
CA LYS A 12 14.16 -8.54 -41.84
C LYS A 12 13.16 -7.45 -41.43
N SER A 13 12.83 -7.42 -40.14
CA SER A 13 11.93 -6.39 -39.62
C SER A 13 12.69 -5.08 -39.40
N LEU A 14 11.94 -3.99 -39.29
CA LEU A 14 12.55 -2.66 -39.15
C LEU A 14 13.41 -2.55 -37.89
N PHE A 15 12.95 -3.11 -36.78
CA PHE A 15 13.69 -3.01 -35.53
C PHE A 15 15.07 -3.65 -35.65
N GLN A 16 15.16 -4.74 -36.41
CA GLN A 16 16.44 -5.40 -36.65
C GLN A 16 17.39 -4.48 -37.42
N TRP A 17 16.81 -3.66 -38.29
CA TRP A 17 17.59 -2.71 -39.06
C TRP A 17 18.16 -1.61 -38.16
N GLN A 18 17.31 -0.94 -37.40
CA GLN A 18 17.75 0.17 -36.56
C GLN A 18 18.70 -0.31 -35.46
N VAL A 19 18.60 -1.58 -35.06
CA VAL A 19 19.51 -2.10 -34.04
C VAL A 19 20.92 -2.27 -34.62
N GLU A 20 21.02 -3.00 -35.72
CA GLU A 20 22.30 -3.14 -36.42
C GLU A 20 22.76 -1.77 -36.92
N GLN A 21 21.80 -0.90 -37.25
CA GLN A 21 22.11 0.47 -37.62
C GLN A 21 22.64 1.23 -36.42
N GLU A 22 21.97 1.12 -35.26
CA GLU A 22 22.45 1.79 -34.05
C GLU A 22 23.91 1.45 -33.77
N GLU A 23 24.21 0.17 -33.54
CA GLU A 23 25.59 -0.27 -33.29
C GLU A 23 26.59 0.23 -34.33
N SER A 24 26.11 0.50 -35.54
CA SER A 24 26.92 1.19 -36.55
C SER A 24 27.26 2.63 -36.15
N LYS A 25 26.40 3.29 -35.35
CA LYS A 25 26.67 4.67 -34.96
C LYS A 25 27.34 4.83 -33.60
N LEU A 26 27.30 3.81 -32.74
CA LEU A 26 27.96 3.92 -31.45
C LEU A 26 28.75 2.67 -31.09
N ALA A 27 29.53 2.20 -32.07
CA ALA A 27 30.63 1.28 -31.80
C ALA A 27 31.87 2.11 -31.47
N ASN A 28 31.63 3.19 -30.73
CA ASN A 28 32.56 4.31 -30.64
C ASN A 28 32.74 4.76 -29.19
N ILE A 29 31.67 4.75 -28.41
CA ILE A 29 31.47 5.74 -27.34
C ILE A 29 32.65 6.00 -26.34
N SER A 30 33.34 5.05 -25.68
CA SER A 30 33.04 3.65 -25.36
C SER A 30 33.63 3.23 -24.00
N GLN A 31 32.73 2.85 -23.09
CA GLN A 31 33.00 2.11 -21.84
C GLN A 31 33.35 3.01 -20.63
N ASP A 32 33.74 4.26 -20.88
CA ASP A 32 33.98 5.23 -19.81
C ASP A 32 32.89 6.31 -19.75
N GLN A 33 32.16 6.43 -20.85
CA GLN A 33 31.19 7.51 -21.03
C GLN A 33 29.76 7.05 -20.74
N PHE A 34 29.44 5.79 -21.05
CA PHE A 34 28.09 5.29 -20.79
C PHE A 34 28.01 4.55 -19.45
N LEU A 35 29.17 4.32 -18.83
CA LEU A 35 29.18 3.76 -17.48
C LEU A 35 29.26 4.87 -16.46
N SER A 36 29.57 6.08 -16.92
CA SER A 36 29.64 7.24 -16.05
C SER A 36 28.23 7.66 -15.63
N LYS A 37 28.11 8.30 -14.47
CA LYS A 37 26.81 8.65 -13.92
C LYS A 37 26.58 10.15 -13.82
N ASP A 38 25.37 10.57 -14.20
CA ASP A 38 24.91 11.94 -14.07
C ASP A 38 24.88 12.36 -12.58
N ALA A 39 24.64 13.63 -12.31
CA ALA A 39 24.46 14.11 -10.95
C ALA A 39 23.26 13.39 -10.30
N ASP A 40 22.30 12.98 -11.11
CA ASP A 40 21.17 12.19 -10.63
C ASP A 40 21.54 10.71 -10.55
N GLY A 41 22.72 10.36 -11.05
CA GLY A 41 23.16 8.99 -11.08
C GLY A 41 22.76 8.29 -12.37
N ASP A 42 22.11 9.02 -13.26
CA ASP A 42 21.66 8.45 -14.53
C ASP A 42 22.79 8.19 -15.51
N THR A 43 22.81 6.97 -16.05
CA THR A 43 23.70 6.66 -17.17
C THR A 43 22.97 7.02 -18.46
N PHE A 44 23.60 6.72 -19.59
CA PHE A 44 22.97 6.99 -20.88
C PHE A 44 21.73 6.11 -21.06
N LEU A 45 21.81 4.88 -20.56
CA LEU A 45 20.72 3.92 -20.72
C LEU A 45 19.47 4.38 -19.99
N HIS A 46 19.64 4.88 -18.77
CA HIS A 46 18.53 5.42 -17.97
C HIS A 46 17.77 6.47 -18.77
N ILE A 47 18.50 7.37 -19.42
CA ILE A 47 17.90 8.45 -20.17
C ILE A 47 17.25 7.94 -21.45
N ALA A 48 17.93 7.01 -22.13
CA ALA A 48 17.44 6.47 -23.40
C ALA A 48 16.15 5.70 -23.17
N VAL A 49 16.14 4.93 -22.10
CA VAL A 49 14.98 4.17 -21.67
C VAL A 49 13.79 5.09 -21.41
N ALA A 50 14.05 6.18 -20.68
CA ALA A 50 13.01 7.15 -20.34
C ALA A 50 12.48 7.86 -21.57
N GLN A 51 13.29 7.96 -22.61
CA GLN A 51 12.89 8.67 -23.81
C GLN A 51 12.23 7.73 -24.83
N GLY A 52 12.24 6.44 -24.53
CA GLY A 52 11.57 5.47 -25.38
C GLY A 52 12.40 5.03 -26.57
N ARG A 53 13.69 5.36 -26.55
CA ARG A 53 14.60 4.95 -27.61
C ARG A 53 14.88 3.46 -27.54
N ARG A 54 14.03 2.66 -28.18
CA ARG A 54 14.12 1.21 -28.06
C ARG A 54 15.41 0.67 -28.67
N ALA A 55 15.74 1.13 -29.87
CA ALA A 55 16.94 0.67 -30.56
C ALA A 55 18.19 1.02 -29.77
N LEU A 56 18.31 2.28 -29.36
CA LEU A 56 19.46 2.75 -28.61
C LEU A 56 19.57 2.06 -27.25
N SER A 57 18.43 1.84 -26.60
CA SER A 57 18.39 1.16 -25.32
C SER A 57 18.89 -0.26 -25.46
N TYR A 58 18.52 -0.92 -26.55
CA TYR A 58 18.93 -2.30 -26.78
C TYR A 58 20.45 -2.41 -26.87
N VAL A 59 21.07 -1.44 -27.55
CA VAL A 59 22.50 -1.45 -27.78
C VAL A 59 23.29 -1.12 -26.53
N LEU A 60 22.93 -0.02 -25.89
CA LEU A 60 23.56 0.38 -24.63
C LEU A 60 23.42 -0.69 -23.57
N ALA A 61 22.29 -1.40 -23.57
CA ALA A 61 22.06 -2.47 -22.61
C ALA A 61 23.00 -3.64 -22.85
N ARG A 62 23.14 -4.04 -24.12
CA ARG A 62 23.99 -5.17 -24.47
C ARG A 62 25.45 -4.88 -24.12
N LYS A 63 25.85 -3.62 -24.28
CA LYS A 63 27.23 -3.24 -23.98
C LYS A 63 27.46 -3.13 -22.48
N MET A 64 26.44 -2.70 -21.74
CA MET A 64 26.55 -2.63 -20.29
C MET A 64 26.44 -4.02 -19.67
N ASN A 65 25.66 -4.89 -20.32
CA ASN A 65 25.43 -6.24 -19.82
C ASN A 65 26.68 -7.10 -19.88
N ALA A 66 27.43 -6.97 -20.97
CA ALA A 66 28.66 -7.72 -21.17
C ALA A 66 29.67 -7.40 -20.06
N LEU A 67 29.56 -6.21 -19.51
CA LEU A 67 30.42 -5.76 -18.42
C LEU A 67 29.77 -6.03 -17.06
N HIS A 68 28.62 -6.70 -17.09
CA HIS A 68 27.83 -6.99 -15.90
C HIS A 68 27.47 -5.71 -15.14
N MET A 69 27.06 -4.69 -15.88
CA MET A 69 26.73 -3.39 -15.31
C MET A 69 25.34 -2.94 -15.73
N LEU A 70 24.52 -3.89 -16.14
CA LEU A 70 23.20 -3.58 -16.68
C LEU A 70 22.29 -2.94 -15.63
N ASP A 71 22.34 -3.45 -14.40
CA ASP A 71 21.42 -2.99 -13.35
C ASP A 71 22.01 -1.88 -12.48
N ILE A 72 22.75 -0.96 -13.10
CA ILE A 72 23.24 0.22 -12.38
C ILE A 72 22.05 1.07 -11.92
N LYS A 73 22.03 1.39 -10.64
CA LYS A 73 20.92 2.15 -10.07
C LYS A 73 21.25 3.62 -9.93
N GLU A 74 20.29 4.47 -10.28
CA GLU A 74 20.39 5.91 -10.07
C GLU A 74 20.23 6.28 -8.60
N HIS A 75 20.04 7.58 -8.33
CA HIS A 75 19.90 8.06 -6.96
C HIS A 75 18.58 7.61 -6.33
N ASN A 76 17.63 7.21 -7.17
CA ASN A 76 16.33 6.71 -6.69
C ASN A 76 16.32 5.20 -6.46
N GLY A 77 17.48 4.57 -6.64
CA GLY A 77 17.59 3.13 -6.48
C GLY A 77 17.00 2.39 -7.67
N GLN A 78 16.87 3.09 -8.79
CA GLN A 78 16.26 2.53 -9.99
C GLN A 78 17.27 2.12 -11.05
N SER A 79 17.25 0.85 -11.43
CA SER A 79 17.98 0.39 -12.60
C SER A 79 17.28 0.91 -13.85
N ALA A 80 17.89 0.74 -15.01
CA ALA A 80 17.28 1.19 -16.25
C ALA A 80 15.96 0.44 -16.49
N PHE A 81 15.95 -0.83 -16.10
CA PHE A 81 14.75 -1.65 -16.19
C PHE A 81 13.64 -1.09 -15.33
N GLN A 82 13.97 -0.70 -14.10
CA GLN A 82 12.99 -0.09 -13.20
C GLN A 82 12.46 1.21 -13.79
N VAL A 83 13.34 1.98 -14.42
CA VAL A 83 12.93 3.23 -15.05
C VAL A 83 11.95 2.97 -16.19
N ALA A 84 12.21 1.93 -16.98
CA ALA A 84 11.33 1.59 -18.10
C ALA A 84 9.95 1.17 -17.62
N VAL A 85 9.93 0.45 -16.50
CA VAL A 85 8.67 0.08 -15.86
C VAL A 85 7.85 1.33 -15.56
N ALA A 86 8.46 2.25 -14.83
CA ALA A 86 7.78 3.50 -14.44
C ALA A 86 7.38 4.31 -15.66
N ALA A 87 8.20 4.25 -16.70
CA ALA A 87 7.94 5.03 -17.92
C ALA A 87 6.93 4.35 -18.83
N ASN A 88 6.51 3.14 -18.44
CA ASN A 88 5.54 2.35 -19.20
C ASN A 88 6.07 1.98 -20.59
N GLN A 89 7.37 1.72 -20.68
CA GLN A 89 8.00 1.32 -21.93
C GLN A 89 8.09 -0.21 -22.02
N HIS A 90 6.96 -0.86 -22.26
CA HIS A 90 6.89 -2.31 -22.12
C HIS A 90 7.75 -3.04 -23.14
N LEU A 91 7.95 -2.45 -24.32
CA LEU A 91 8.83 -3.04 -25.32
C LEU A 91 10.26 -3.09 -24.80
N ILE A 92 10.74 -1.96 -24.29
CA ILE A 92 12.08 -1.88 -23.73
C ILE A 92 12.22 -2.78 -22.50
N VAL A 93 11.19 -2.81 -21.68
CA VAL A 93 11.18 -3.66 -20.49
C VAL A 93 11.49 -5.11 -20.85
N GLN A 94 10.75 -5.64 -21.82
CA GLN A 94 10.92 -7.04 -22.22
C GLN A 94 12.34 -7.28 -22.72
N ASP A 95 12.86 -6.33 -23.49
CA ASP A 95 14.24 -6.41 -23.98
C ASP A 95 15.24 -6.52 -22.83
N LEU A 96 15.03 -5.74 -21.78
CA LEU A 96 15.96 -5.70 -20.66
C LEU A 96 15.87 -6.95 -19.79
N VAL A 97 14.67 -7.36 -19.44
CA VAL A 97 14.49 -8.55 -18.62
C VAL A 97 14.96 -9.79 -19.37
N ASN A 98 14.78 -9.78 -20.69
CA ASN A 98 15.22 -10.89 -21.52
C ASN A 98 16.71 -11.18 -21.40
N ILE A 99 17.52 -10.12 -21.37
CA ILE A 99 18.97 -10.30 -21.29
C ILE A 99 19.44 -10.41 -19.84
N GLY A 100 18.49 -10.44 -18.91
CA GLY A 100 18.80 -10.79 -17.54
C GLY A 100 18.66 -9.71 -16.48
N ALA A 101 18.03 -8.59 -16.83
CA ALA A 101 17.79 -7.52 -15.86
C ALA A 101 17.05 -8.07 -14.64
N GLN A 102 17.54 -7.72 -13.45
CA GLN A 102 17.00 -8.26 -12.20
C GLN A 102 15.56 -7.81 -11.95
N VAL A 103 14.63 -8.76 -11.96
CA VAL A 103 13.23 -8.45 -11.70
C VAL A 103 12.94 -8.31 -10.20
N ASN A 104 13.60 -9.13 -9.39
CA ASN A 104 13.42 -9.08 -7.95
C ASN A 104 14.37 -8.08 -7.29
N THR A 105 13.97 -6.82 -7.30
CA THR A 105 14.74 -5.72 -6.73
C THR A 105 13.78 -4.64 -6.26
N THR A 106 14.27 -3.68 -5.49
CA THR A 106 13.43 -2.58 -5.05
C THR A 106 14.05 -1.23 -5.38
N ASP A 107 13.23 -0.18 -5.46
CA ASP A 107 13.75 1.18 -5.54
C ASP A 107 13.97 1.68 -4.13
N CYS A 108 14.21 2.98 -3.96
CA CYS A 108 14.54 3.51 -2.64
C CYS A 108 13.31 3.60 -1.74
N TRP A 109 12.13 3.47 -2.34
CA TRP A 109 10.89 3.53 -1.57
C TRP A 109 10.40 2.14 -1.19
N GLY A 110 11.18 1.12 -1.54
CA GLY A 110 10.88 -0.25 -1.16
C GLY A 110 9.95 -1.00 -2.11
N ARG A 111 9.63 -0.37 -3.23
CA ARG A 111 8.71 -0.97 -4.20
C ARG A 111 9.44 -1.85 -5.21
N THR A 112 8.90 -3.03 -5.49
CA THR A 112 9.41 -3.86 -6.58
C THR A 112 8.82 -3.38 -7.90
N PRO A 113 9.43 -3.77 -9.03
CA PRO A 113 8.85 -3.46 -10.34
C PRO A 113 7.39 -3.90 -10.47
N LEU A 114 7.04 -5.04 -9.86
CA LEU A 114 5.66 -5.49 -9.84
C LEU A 114 4.77 -4.50 -9.09
N HIS A 115 5.27 -3.96 -7.97
CA HIS A 115 4.50 -3.00 -7.20
C HIS A 115 4.23 -1.74 -8.02
N VAL A 116 5.24 -1.29 -8.76
CA VAL A 116 5.06 -0.10 -9.59
C VAL A 116 4.04 -0.36 -10.70
N CYS A 117 4.14 -1.53 -11.33
CA CYS A 117 3.14 -1.95 -12.31
C CYS A 117 1.75 -1.93 -11.71
N ALA A 118 1.64 -2.50 -10.53
CA ALA A 118 0.36 -2.64 -9.84
C ALA A 118 -0.27 -1.29 -9.54
N GLU A 119 0.52 -0.37 -9.01
CA GLU A 119 0.03 0.96 -8.65
C GLU A 119 -0.45 1.75 -9.85
N LYS A 120 0.28 1.63 -10.96
CA LYS A 120 0.04 2.46 -12.13
C LYS A 120 -0.83 1.78 -13.17
N GLY A 121 -1.10 0.49 -12.98
CA GLY A 121 -1.94 -0.24 -13.91
C GLY A 121 -1.26 -0.51 -15.24
N HIS A 122 0.06 -0.71 -15.21
CA HIS A 122 0.84 -1.02 -16.41
C HIS A 122 0.82 -2.50 -16.74
N SER A 123 -0.30 -2.98 -17.29
CA SER A 123 -0.46 -4.40 -17.55
C SER A 123 0.45 -4.91 -18.66
N GLN A 124 0.69 -4.09 -19.68
CA GLN A 124 1.57 -4.50 -20.76
C GLN A 124 3.00 -4.64 -20.26
N VAL A 125 3.42 -3.71 -19.39
CA VAL A 125 4.71 -3.83 -18.75
C VAL A 125 4.80 -5.12 -17.95
N LEU A 126 3.71 -5.43 -17.27
CA LEU A 126 3.64 -6.65 -16.47
C LEU A 126 3.79 -7.89 -17.35
N GLN A 127 3.12 -7.88 -18.50
CA GLN A 127 3.23 -8.98 -19.46
C GLN A 127 4.63 -9.07 -20.05
N ALA A 128 5.26 -7.91 -20.23
CA ALA A 128 6.63 -7.84 -20.72
C ALA A 128 7.57 -8.53 -19.73
N ILE A 129 7.37 -8.24 -18.45
CA ILE A 129 8.18 -8.82 -17.38
C ILE A 129 8.03 -10.34 -17.36
N GLN A 130 6.80 -10.81 -17.53
CA GLN A 130 6.50 -12.23 -17.54
C GLN A 130 7.25 -12.95 -18.66
N LYS A 131 7.21 -12.38 -19.86
CA LYS A 131 7.87 -12.96 -21.02
C LYS A 131 9.40 -12.90 -20.88
N GLY A 132 9.90 -11.74 -20.47
CA GLY A 132 11.33 -11.54 -20.31
C GLY A 132 11.94 -12.45 -19.27
N ALA A 133 11.17 -12.74 -18.23
CA ALA A 133 11.66 -13.60 -17.15
C ALA A 133 11.70 -15.06 -17.59
N VAL A 134 10.78 -15.44 -18.47
CA VAL A 134 10.77 -16.80 -19.01
C VAL A 134 12.00 -17.01 -19.88
N GLY A 135 12.33 -16.01 -20.70
CA GLY A 135 13.45 -16.10 -21.61
C GLY A 135 14.78 -15.75 -20.96
N SER A 136 14.80 -15.62 -19.64
CA SER A 136 16.03 -15.33 -18.92
C SER A 136 16.14 -16.16 -17.66
N ASN A 137 15.27 -17.16 -17.54
CA ASN A 137 15.25 -18.07 -16.40
C ASN A 137 15.22 -17.34 -15.06
N GLN A 138 14.35 -16.34 -14.95
CA GLN A 138 14.22 -15.59 -13.71
C GLN A 138 12.89 -15.91 -13.01
N PHE A 139 12.96 -16.04 -11.69
CA PHE A 139 11.76 -16.25 -10.89
C PHE A 139 11.18 -14.91 -10.44
N VAL A 140 9.93 -14.66 -10.82
CA VAL A 140 9.26 -13.43 -10.44
C VAL A 140 8.52 -13.61 -9.12
N ASP A 141 8.93 -12.86 -8.10
CA ASP A 141 8.33 -12.99 -6.78
C ASP A 141 7.03 -12.19 -6.68
N LEU A 142 5.91 -12.86 -6.93
CA LEU A 142 4.62 -12.20 -6.93
C LEU A 142 4.14 -11.84 -5.52
N GLU A 143 4.76 -12.43 -4.51
CA GLU A 143 4.35 -12.21 -3.13
C GLU A 143 5.30 -11.30 -2.37
N ALA A 144 6.18 -10.62 -3.10
CA ALA A 144 7.09 -9.67 -2.49
C ALA A 144 6.29 -8.57 -1.80
N THR A 145 6.71 -8.17 -0.61
CA THR A 145 6.01 -7.11 0.10
C THR A 145 6.80 -5.81 0.05
N ASN A 146 6.10 -4.69 -0.08
CA ASN A 146 6.75 -3.39 -0.07
C ASN A 146 6.92 -2.91 1.37
N TYR A 147 7.34 -1.67 1.56
CA TYR A 147 7.59 -1.17 2.91
C TYR A 147 6.29 -0.95 3.67
N ASP A 148 5.16 -1.08 2.98
CA ASP A 148 3.85 -0.95 3.61
C ASP A 148 3.25 -2.33 3.89
N GLY A 149 4.06 -3.38 3.73
CA GLY A 149 3.61 -4.75 3.99
C GLY A 149 2.63 -5.31 2.97
N LEU A 150 2.61 -4.71 1.78
CA LEU A 150 1.65 -5.10 0.74
C LEU A 150 2.26 -5.84 -0.45
N THR A 151 1.55 -6.85 -0.94
CA THR A 151 1.93 -7.53 -2.18
C THR A 151 1.51 -6.66 -3.36
N PRO A 152 2.04 -6.95 -4.56
CA PRO A 152 1.59 -6.16 -5.71
C PRO A 152 0.08 -6.24 -5.95
N LEU A 153 -0.52 -7.40 -5.73
CA LEU A 153 -1.96 -7.53 -5.87
C LEU A 153 -2.68 -6.55 -4.94
N HIS A 154 -2.27 -6.49 -3.67
CA HIS A 154 -2.83 -5.55 -2.71
C HIS A 154 -2.82 -4.11 -3.23
N CYS A 155 -1.69 -3.70 -3.78
CA CYS A 155 -1.53 -2.33 -4.27
C CYS A 155 -2.46 -2.02 -5.44
N ALA A 156 -2.59 -2.99 -6.34
CA ALA A 156 -3.47 -2.86 -7.50
C ALA A 156 -4.92 -2.67 -7.06
N VAL A 157 -5.34 -3.44 -6.06
CA VAL A 157 -6.71 -3.37 -5.56
C VAL A 157 -7.00 -2.00 -4.93
N ILE A 158 -6.09 -1.55 -4.07
CA ILE A 158 -6.22 -0.26 -3.40
C ILE A 158 -6.23 0.87 -4.42
N ALA A 159 -5.36 0.77 -5.42
CA ALA A 159 -5.34 1.75 -6.50
C ALA A 159 -6.68 1.79 -7.23
N HIS A 160 -7.24 0.61 -7.51
CA HIS A 160 -8.52 0.55 -8.21
C HIS A 160 -9.68 1.06 -7.35
N ASN A 161 -9.65 0.76 -6.05
CA ASN A 161 -10.65 1.29 -5.11
C ASN A 161 -10.72 2.82 -5.18
N ALA A 162 -9.55 3.46 -5.22
CA ALA A 162 -9.47 4.91 -5.26
C ALA A 162 -10.09 5.45 -6.55
N VAL A 163 -9.79 4.79 -7.66
CA VAL A 163 -10.36 5.15 -8.96
C VAL A 163 -11.89 5.00 -8.95
N VAL A 164 -12.36 3.86 -8.48
CA VAL A 164 -13.79 3.59 -8.43
C VAL A 164 -14.51 4.59 -7.52
N HIS A 165 -13.93 4.84 -6.35
CA HIS A 165 -14.51 5.77 -5.39
C HIS A 165 -14.64 7.15 -6.00
N GLU A 166 -13.70 7.52 -6.86
CA GLU A 166 -13.72 8.84 -7.47
C GLU A 166 -14.70 8.89 -8.64
N LEU A 167 -14.76 7.80 -9.41
CA LEU A 167 -15.69 7.70 -10.53
C LEU A 167 -17.13 7.84 -10.07
N GLN A 168 -17.40 7.33 -8.87
CA GLN A 168 -18.72 7.44 -8.29
C GLN A 168 -18.87 8.77 -7.55
N ARG A 169 -17.99 9.72 -7.86
CA ARG A 169 -18.02 11.02 -7.21
C ARG A 169 -17.87 12.23 -8.12
N ASN A 170 -17.02 12.19 -9.14
CA ASN A 170 -16.87 13.35 -10.05
C ASN A 170 -18.07 13.40 -11.00
N GLN A 171 -18.59 14.61 -11.23
CA GLN A 171 -19.86 14.79 -11.93
C GLN A 171 -19.72 15.10 -13.41
N GLN A 172 -18.59 14.79 -14.03
CA GLN A 172 -18.46 15.24 -15.41
C GLN A 172 -17.62 14.31 -16.26
N PRO A 173 -18.23 13.78 -17.34
CA PRO A 173 -17.58 12.88 -18.29
C PRO A 173 -16.44 13.54 -19.06
N HIS A 174 -16.69 14.72 -19.60
CA HIS A 174 -15.75 15.39 -20.51
C HIS A 174 -14.41 15.77 -19.87
N SER A 175 -14.35 15.73 -18.54
CA SER A 175 -13.12 16.09 -17.82
C SER A 175 -11.92 15.26 -18.27
N PRO A 176 -10.75 15.91 -18.40
CA PRO A 176 -9.50 15.22 -18.73
C PRO A 176 -9.16 14.14 -17.70
N GLU A 177 -9.66 14.31 -16.49
CA GLU A 177 -9.38 13.39 -15.39
C GLU A 177 -10.26 12.15 -15.41
N VAL A 178 -11.54 12.32 -15.74
CA VAL A 178 -12.50 11.22 -15.71
C VAL A 178 -12.22 10.19 -16.81
N GLN A 179 -11.92 10.67 -18.01
CA GLN A 179 -11.55 9.78 -19.10
C GLN A 179 -10.22 9.08 -18.77
N GLU A 180 -9.37 9.76 -18.01
CA GLU A 180 -8.15 9.17 -17.47
C GLU A 180 -8.50 8.14 -16.40
N LEU A 181 -9.46 8.47 -15.55
CA LEU A 181 -9.96 7.54 -14.54
C LEU A 181 -10.59 6.31 -15.18
N LEU A 182 -11.36 6.53 -16.24
CA LEU A 182 -12.01 5.44 -16.96
C LEU A 182 -11.00 4.46 -17.54
N LEU A 183 -9.93 4.98 -18.12
CA LEU A 183 -8.91 4.12 -18.70
C LEU A 183 -8.09 3.43 -17.62
N LYS A 184 -7.90 4.10 -16.49
CA LYS A 184 -7.17 3.51 -15.38
C LYS A 184 -8.02 2.44 -14.68
N ASN A 185 -9.33 2.65 -14.68
CA ASN A 185 -10.27 1.64 -14.21
C ASN A 185 -10.11 0.33 -14.99
N LYS A 186 -9.93 0.46 -16.29
CA LYS A 186 -9.76 -0.69 -17.16
C LYS A 186 -8.36 -1.30 -17.00
N SER A 187 -7.34 -0.44 -16.99
CA SER A 187 -5.97 -0.91 -16.93
C SER A 187 -5.63 -1.59 -15.61
N LEU A 188 -6.19 -1.08 -14.52
CA LEU A 188 -5.93 -1.67 -13.20
C LEU A 188 -6.55 -3.06 -13.09
N VAL A 189 -7.72 -3.24 -13.68
CA VAL A 189 -8.36 -4.56 -13.68
C VAL A 189 -7.56 -5.53 -14.55
N ASP A 190 -7.09 -5.05 -15.71
CA ASP A 190 -6.24 -5.85 -16.58
C ASP A 190 -4.96 -6.26 -15.87
N THR A 191 -4.39 -5.33 -15.10
CA THR A 191 -3.19 -5.60 -14.32
C THR A 191 -3.45 -6.65 -13.25
N ILE A 192 -4.60 -6.53 -12.59
CA ILE A 192 -4.99 -7.49 -11.56
C ILE A 192 -5.19 -8.88 -12.20
N LYS A 193 -5.80 -8.92 -13.37
CA LYS A 193 -6.00 -10.19 -14.06
C LYS A 193 -4.67 -10.84 -14.43
N CYS A 194 -3.74 -10.03 -14.91
CA CYS A 194 -2.40 -10.51 -15.24
C CYS A 194 -1.69 -11.08 -14.03
N LEU A 195 -1.69 -10.33 -12.92
CA LEU A 195 -1.08 -10.80 -11.68
C LEU A 195 -1.65 -12.15 -11.26
N ILE A 196 -2.97 -12.28 -11.30
CA ILE A 196 -3.61 -13.54 -10.93
C ILE A 196 -3.20 -14.66 -11.89
N GLN A 197 -3.20 -14.36 -13.18
CA GLN A 197 -2.80 -15.33 -14.19
C GLN A 197 -1.34 -15.74 -14.01
N MET A 198 -0.51 -14.82 -13.53
CA MET A 198 0.90 -15.12 -13.27
C MET A 198 1.05 -15.98 -12.01
N GLY A 199 -0.01 -16.06 -11.20
CA GLY A 199 -0.01 -16.93 -10.04
C GLY A 199 -0.06 -16.20 -8.70
N ALA A 200 -0.41 -14.92 -8.72
CA ALA A 200 -0.50 -14.14 -7.48
C ALA A 200 -1.56 -14.72 -6.55
N ALA A 201 -1.24 -14.76 -5.25
CA ALA A 201 -2.14 -15.29 -4.25
C ALA A 201 -3.18 -14.25 -3.82
N VAL A 202 -4.43 -14.50 -4.16
CA VAL A 202 -5.52 -13.59 -3.77
C VAL A 202 -5.71 -13.62 -2.26
N GLU A 203 -5.33 -14.75 -1.65
CA GLU A 203 -5.49 -14.93 -0.22
C GLU A 203 -4.31 -14.37 0.59
N ALA A 204 -3.37 -13.72 -0.09
CA ALA A 204 -2.24 -13.09 0.62
C ALA A 204 -2.77 -12.05 1.60
N LYS A 205 -2.14 -11.96 2.76
CA LYS A 205 -2.61 -11.04 3.78
C LYS A 205 -1.68 -9.84 3.94
N ASP A 206 -2.26 -8.64 3.92
CA ASP A 206 -1.54 -7.41 4.24
C ASP A 206 -0.89 -7.57 5.62
N ARG A 207 0.40 -7.26 5.73
CA ARG A 207 1.12 -7.51 6.97
C ARG A 207 0.63 -6.63 8.13
N LYS A 208 0.11 -5.45 7.81
CA LYS A 208 -0.37 -4.52 8.83
C LYS A 208 -1.63 -5.03 9.54
N SER A 209 -2.54 -5.65 8.80
CA SER A 209 -3.88 -5.91 9.33
C SER A 209 -4.44 -7.28 9.01
N GLY A 210 -3.75 -8.01 8.14
CA GLY A 210 -4.17 -9.36 7.78
C GLY A 210 -5.29 -9.40 6.75
N ARG A 211 -5.50 -8.28 6.06
CA ARG A 211 -6.52 -8.20 5.01
C ARG A 211 -6.10 -8.88 3.71
N THR A 212 -7.01 -9.66 3.13
CA THR A 212 -6.78 -10.19 1.78
C THR A 212 -7.20 -9.19 0.73
N ALA A 213 -6.95 -9.52 -0.54
CA ALA A 213 -7.38 -8.69 -1.64
C ALA A 213 -8.90 -8.57 -1.63
N LEU A 214 -9.58 -9.61 -1.17
CA LEU A 214 -11.03 -9.59 -1.06
C LEU A 214 -11.48 -8.58 -0.01
N HIS A 215 -10.85 -8.62 1.16
CA HIS A 215 -11.09 -7.64 2.22
C HIS A 215 -10.96 -6.24 1.67
N LEU A 216 -9.86 -6.00 0.95
CA LEU A 216 -9.57 -4.68 0.43
C LEU A 216 -10.66 -4.23 -0.54
N ALA A 217 -11.09 -5.14 -1.41
CA ALA A 217 -12.18 -4.83 -2.33
C ALA A 217 -13.48 -4.52 -1.60
N ALA A 218 -13.75 -5.27 -0.54
CA ALA A 218 -14.99 -5.13 0.22
C ALA A 218 -15.07 -3.76 0.93
N GLU A 219 -13.92 -3.21 1.28
CA GLU A 219 -13.87 -1.91 1.96
C GLU A 219 -14.50 -0.80 1.14
N GLU A 220 -14.47 -0.97 -0.18
CA GLU A 220 -14.98 0.05 -1.09
C GLU A 220 -16.27 -0.42 -1.77
N ALA A 221 -16.75 -1.60 -1.38
CA ALA A 221 -17.83 -2.28 -2.09
C ALA A 221 -17.53 -2.27 -3.59
N ASN A 222 -16.29 -2.61 -3.91
CA ASN A 222 -15.79 -2.62 -5.28
C ASN A 222 -16.37 -3.81 -6.03
N LEU A 223 -17.53 -3.61 -6.66
CA LEU A 223 -18.26 -4.72 -7.29
C LEU A 223 -17.45 -5.45 -8.35
N GLU A 224 -16.73 -4.70 -9.19
CA GLU A 224 -16.01 -5.36 -10.27
C GLU A 224 -14.94 -6.31 -9.73
N LEU A 225 -14.22 -5.88 -8.69
CA LEU A 225 -13.16 -6.71 -8.14
C LEU A 225 -13.71 -7.86 -7.27
N ILE A 226 -14.75 -7.58 -6.50
CA ILE A 226 -15.40 -8.62 -5.70
C ILE A 226 -15.88 -9.73 -6.62
N ARG A 227 -16.51 -9.35 -7.73
CA ARG A 227 -16.98 -10.34 -8.71
C ARG A 227 -15.82 -11.12 -9.29
N LEU A 228 -14.75 -10.42 -9.67
CA LEU A 228 -13.57 -11.05 -10.26
C LEU A 228 -12.94 -12.09 -9.32
N PHE A 229 -12.74 -11.71 -8.06
CA PHE A 229 -12.10 -12.60 -7.09
C PHE A 229 -12.98 -13.82 -6.77
N LEU A 230 -14.27 -13.59 -6.60
CA LEU A 230 -15.18 -14.67 -6.20
C LEU A 230 -15.41 -15.68 -7.33
N GLU A 231 -15.03 -15.34 -8.55
CA GLU A 231 -15.13 -16.27 -9.68
C GLU A 231 -13.96 -17.24 -9.75
N LEU A 232 -12.92 -16.98 -8.96
CA LEU A 232 -11.72 -17.82 -8.98
C LEU A 232 -11.98 -19.20 -8.39
N PRO A 233 -11.21 -20.21 -8.85
CA PRO A 233 -11.39 -21.60 -8.40
C PRO A 233 -11.26 -21.77 -6.89
N SER A 234 -10.42 -20.96 -6.27
CA SER A 234 -10.16 -21.08 -4.83
C SER A 234 -11.11 -20.23 -4.00
N CYS A 235 -12.16 -19.71 -4.65
CA CYS A 235 -13.15 -18.83 -4.01
C CYS A 235 -13.54 -19.26 -2.60
N LEU A 236 -13.98 -20.50 -2.45
CA LEU A 236 -14.50 -20.96 -1.16
C LEU A 236 -13.40 -21.09 -0.10
N SER A 237 -12.14 -21.06 -0.55
CA SER A 237 -11.02 -21.18 0.38
C SER A 237 -10.64 -19.86 1.05
N PHE A 238 -10.97 -18.74 0.43
CA PHE A 238 -10.61 -17.44 1.01
C PHE A 238 -11.81 -16.53 1.28
N VAL A 239 -13.00 -16.91 0.81
CA VAL A 239 -14.16 -16.02 0.95
C VAL A 239 -14.45 -15.73 2.42
N ASN A 240 -14.15 -16.69 3.29
CA ASN A 240 -14.37 -16.52 4.72
C ASN A 240 -13.08 -16.24 5.50
N ALA A 241 -12.02 -15.83 4.80
CA ALA A 241 -10.76 -15.54 5.49
C ALA A 241 -10.95 -14.39 6.47
N LYS A 242 -10.24 -14.45 7.59
CA LYS A 242 -10.37 -13.44 8.64
C LYS A 242 -9.12 -12.56 8.70
N ALA A 243 -9.33 -11.26 8.84
CA ALA A 243 -8.24 -10.34 9.12
C ALA A 243 -7.80 -10.55 10.57
N TYR A 244 -6.78 -9.83 11.03
CA TYR A 244 -6.27 -10.01 12.39
C TYR A 244 -7.36 -9.74 13.44
N ASN A 245 -8.26 -8.81 13.14
CA ASN A 245 -9.33 -8.51 14.10
C ASN A 245 -10.51 -9.49 13.97
N GLY A 246 -10.34 -10.53 13.16
CA GLY A 246 -11.33 -11.58 13.04
C GLY A 246 -12.43 -11.31 12.02
N ASN A 247 -12.38 -10.16 11.36
CA ASN A 247 -13.44 -9.81 10.42
C ASN A 247 -13.25 -10.43 9.05
N THR A 248 -14.35 -10.90 8.46
CA THR A 248 -14.33 -11.36 7.08
C THR A 248 -14.74 -10.23 6.14
N ALA A 249 -14.60 -10.47 4.84
CA ALA A 249 -15.05 -9.50 3.85
C ALA A 249 -16.54 -9.22 4.00
N LEU A 250 -17.30 -10.21 4.44
CA LEU A 250 -18.74 -10.00 4.64
C LEU A 250 -18.98 -9.06 5.82
N HIS A 251 -18.22 -9.23 6.91
CA HIS A 251 -18.28 -8.29 8.03
C HIS A 251 -18.11 -6.85 7.56
N VAL A 252 -17.09 -6.66 6.73
CA VAL A 252 -16.72 -5.33 6.23
C VAL A 252 -17.84 -4.76 5.36
N ALA A 253 -18.26 -5.53 4.35
CA ALA A 253 -19.32 -5.11 3.44
C ALA A 253 -20.62 -4.74 4.17
N ALA A 254 -20.98 -5.55 5.17
CA ALA A 254 -22.22 -5.32 5.89
C ALA A 254 -22.19 -4.06 6.77
N SER A 255 -20.99 -3.62 7.12
CA SER A 255 -20.81 -2.53 8.08
C SER A 255 -20.50 -1.15 7.47
N LEU A 256 -20.29 -1.10 6.16
CA LEU A 256 -19.77 0.11 5.49
C LEU A 256 -20.57 1.41 5.67
N GLN A 257 -19.87 2.54 5.60
CA GLN A 257 -20.51 3.82 5.34
C GLN A 257 -21.25 3.69 4.03
N TYR A 258 -22.47 4.24 3.95
CA TYR A 258 -23.34 3.99 2.80
C TYR A 258 -22.66 4.27 1.46
N ARG A 259 -22.63 3.24 0.64
CA ARG A 259 -22.20 3.35 -0.75
C ARG A 259 -23.34 2.83 -1.61
N LEU A 260 -23.42 3.32 -2.84
CA LEU A 260 -24.50 2.91 -3.73
C LEU A 260 -24.38 1.44 -4.12
N THR A 261 -23.21 0.86 -3.92
CA THR A 261 -22.98 -0.53 -4.28
C THR A 261 -22.91 -1.47 -3.08
N GLN A 262 -23.16 -0.94 -1.89
CA GLN A 262 -23.05 -1.74 -0.66
C GLN A 262 -23.96 -2.97 -0.66
N LEU A 263 -25.25 -2.75 -0.92
CA LEU A 263 -26.22 -3.85 -0.92
C LEU A 263 -25.83 -4.95 -1.91
N ASP A 264 -25.44 -4.54 -3.12
CA ASP A 264 -25.06 -5.51 -4.14
C ASP A 264 -23.81 -6.30 -3.76
N ALA A 265 -22.89 -5.64 -3.05
CA ALA A 265 -21.67 -6.32 -2.60
C ALA A 265 -22.02 -7.40 -1.60
N VAL A 266 -22.93 -7.08 -0.68
CA VAL A 266 -23.36 -8.04 0.32
C VAL A 266 -24.06 -9.21 -0.38
N ARG A 267 -24.95 -8.90 -1.32
CA ARG A 267 -25.66 -9.92 -2.08
C ARG A 267 -24.70 -10.83 -2.84
N LEU A 268 -23.70 -10.22 -3.47
CA LEU A 268 -22.72 -10.97 -4.25
C LEU A 268 -21.89 -11.91 -3.37
N LEU A 269 -21.41 -11.41 -2.23
CA LEU A 269 -20.68 -12.23 -1.29
C LEU A 269 -21.51 -13.42 -0.79
N MET A 270 -22.76 -13.15 -0.40
CA MET A 270 -23.69 -14.20 0.03
C MET A 270 -23.90 -15.23 -1.07
N ARG A 271 -24.16 -14.76 -2.28
CA ARG A 271 -24.46 -15.63 -3.41
C ARG A 271 -23.28 -16.54 -3.77
N LYS A 272 -22.07 -16.08 -3.51
CA LYS A 272 -20.87 -16.83 -3.89
C LYS A 272 -20.31 -17.65 -2.74
N GLY A 273 -21.02 -17.68 -1.61
CA GLY A 273 -20.70 -18.62 -0.55
C GLY A 273 -20.16 -18.08 0.75
N ALA A 274 -20.16 -16.75 0.94
CA ALA A 274 -19.70 -16.19 2.20
C ALA A 274 -20.62 -16.62 3.34
N ASP A 275 -20.02 -16.94 4.49
CA ASP A 275 -20.73 -17.44 5.66
C ASP A 275 -21.16 -16.33 6.62
N PRO A 276 -22.47 -16.06 6.71
CA PRO A 276 -22.99 -14.99 7.56
C PRO A 276 -22.96 -15.30 9.07
N SER A 277 -22.55 -16.50 9.47
CA SER A 277 -22.54 -16.85 10.89
C SER A 277 -21.14 -16.72 11.47
N THR A 278 -20.17 -16.39 10.63
CA THR A 278 -18.80 -16.21 11.09
C THR A 278 -18.72 -15.10 12.14
N ARG A 279 -17.90 -15.30 13.16
CA ARG A 279 -17.75 -14.32 14.22
C ARG A 279 -16.33 -13.76 14.29
N ASN A 280 -16.21 -12.46 14.58
CA ASN A 280 -14.89 -11.85 14.73
C ASN A 280 -14.40 -12.00 16.17
N LEU A 281 -13.29 -11.34 16.49
CA LEU A 281 -12.68 -11.43 17.82
C LEU A 281 -13.62 -11.01 18.94
N GLU A 282 -14.58 -10.16 18.62
CA GLU A 282 -15.53 -9.70 19.62
C GLU A 282 -16.86 -10.44 19.47
N ASN A 283 -16.80 -11.61 18.84
CA ASN A 283 -17.94 -12.50 18.70
C ASN A 283 -19.11 -11.91 17.91
N GLU A 284 -18.81 -10.91 17.08
CA GLU A 284 -19.81 -10.29 16.23
C GLU A 284 -19.93 -11.00 14.88
N GLN A 285 -21.17 -11.22 14.46
CA GLN A 285 -21.47 -11.66 13.09
C GLN A 285 -21.77 -10.42 12.24
N PRO A 286 -21.65 -10.54 10.91
CA PRO A 286 -21.93 -9.38 10.04
C PRO A 286 -23.25 -8.68 10.34
N VAL A 287 -24.28 -9.43 10.73
CA VAL A 287 -25.58 -8.83 11.02
C VAL A 287 -25.49 -7.89 12.23
N HIS A 288 -24.56 -8.17 13.14
CA HIS A 288 -24.39 -7.32 14.31
C HIS A 288 -23.72 -5.99 13.96
N LEU A 289 -23.23 -5.87 12.74
CA LEU A 289 -22.46 -4.69 12.34
C LEU A 289 -23.21 -3.74 11.42
N VAL A 290 -24.44 -4.08 11.05
CA VAL A 290 -25.19 -3.27 10.10
C VAL A 290 -25.49 -1.88 10.68
N PRO A 291 -25.54 -0.86 9.81
CA PRO A 291 -25.88 0.49 10.29
C PRO A 291 -27.32 0.56 10.77
N ASP A 292 -27.63 1.51 11.64
CA ASP A 292 -28.99 1.66 12.14
C ASP A 292 -29.85 2.29 11.07
N GLY A 293 -31.17 2.12 11.17
CA GLY A 293 -32.08 2.65 10.18
C GLY A 293 -32.50 1.62 9.15
N PRO A 294 -33.28 2.05 8.15
CA PRO A 294 -33.81 1.18 7.09
C PRO A 294 -32.73 0.44 6.30
N VAL A 295 -31.63 1.12 5.97
CA VAL A 295 -30.57 0.51 5.17
C VAL A 295 -30.01 -0.76 5.82
N GLY A 296 -29.69 -0.66 7.11
CA GLY A 296 -29.21 -1.81 7.86
C GLY A 296 -30.23 -2.93 7.92
N GLU A 297 -31.50 -2.56 7.98
CA GLU A 297 -32.57 -3.55 7.98
C GLU A 297 -32.58 -4.31 6.66
N GLN A 298 -32.37 -3.59 5.56
CA GLN A 298 -32.29 -4.22 4.23
C GLN A 298 -31.11 -5.17 4.14
N ILE A 299 -29.99 -4.77 4.74
CA ILE A 299 -28.80 -5.61 4.76
C ILE A 299 -29.04 -6.84 5.62
N ARG A 300 -29.71 -6.63 6.75
CA ARG A 300 -30.06 -7.72 7.65
C ARG A 300 -30.84 -8.83 6.94
N ARG A 301 -31.79 -8.45 6.09
CA ARG A 301 -32.61 -9.42 5.36
C ARG A 301 -31.77 -10.21 4.38
N ILE A 302 -30.87 -9.53 3.68
CA ILE A 302 -29.97 -10.16 2.73
C ILE A 302 -29.08 -11.20 3.41
N LEU A 303 -28.63 -10.88 4.62
CA LEU A 303 -27.80 -11.77 5.40
C LEU A 303 -28.57 -12.99 5.89
N LYS A 304 -29.85 -12.82 6.15
CA LYS A 304 -30.69 -13.91 6.63
C LYS A 304 -31.30 -14.68 5.47
N GLY A 305 -31.77 -13.95 4.47
CA GLY A 305 -32.47 -14.53 3.34
C GLY A 305 -31.65 -15.51 2.53
N LYS A 306 -32.32 -16.23 1.62
CA LYS A 306 -31.67 -17.24 0.80
C LYS A 306 -30.80 -16.61 -0.28
N ASN B 3 -17.90 14.25 26.20
CA ASN B 3 -16.51 14.61 25.93
C ASN B 3 -15.93 13.75 24.83
N LEU B 4 -15.07 14.36 24.01
CA LEU B 4 -14.36 13.68 22.94
C LEU B 4 -12.93 14.21 22.92
N LYS B 5 -11.97 13.35 22.62
CA LYS B 5 -10.58 13.78 22.59
C LYS B 5 -9.72 12.93 21.65
N ILE B 6 -8.96 13.60 20.81
CA ILE B 6 -7.92 12.94 20.04
C ILE B 6 -6.65 12.96 20.88
N VAL B 7 -6.19 11.79 21.32
CA VAL B 7 -4.98 11.73 22.13
C VAL B 7 -3.74 11.92 21.28
N ARG B 8 -3.67 11.21 20.15
CA ARG B 8 -2.55 11.37 19.22
C ARG B 8 -2.87 10.66 17.91
N MET B 9 -2.21 11.08 16.83
CA MET B 9 -2.42 10.51 15.49
C MET B 9 -1.08 10.21 14.87
N ASP B 10 -0.98 9.11 14.14
CA ASP B 10 0.32 8.70 13.63
C ASP B 10 0.74 9.50 12.39
N ARG B 11 -0.15 10.34 11.88
CA ARG B 11 0.15 11.24 10.77
C ARG B 11 -0.49 12.61 11.00
N THR B 12 0.30 13.66 10.79
CA THR B 12 -0.21 15.03 10.95
C THR B 12 -0.20 15.74 9.60
N ALA B 13 0.13 15.00 8.55
CA ALA B 13 0.14 15.53 7.20
C ALA B 13 -0.25 14.43 6.21
N GLY B 14 -0.79 14.82 5.06
CA GLY B 14 -1.13 13.86 4.02
C GLY B 14 -1.36 14.51 2.67
N CYS B 15 -1.33 13.71 1.62
CA CYS B 15 -1.56 14.21 0.27
C CYS B 15 -3.00 14.68 0.07
N VAL B 16 -3.18 15.75 -0.69
CA VAL B 16 -4.50 16.29 -1.05
C VAL B 16 -5.41 15.27 -1.71
N THR B 17 -4.82 14.25 -2.31
CA THR B 17 -5.59 13.22 -3.00
C THR B 17 -6.40 12.36 -2.04
N GLY B 18 -6.00 12.34 -0.77
CA GLY B 18 -6.68 11.54 0.23
C GLY B 18 -6.44 10.05 0.10
N GLY B 19 -7.19 9.26 0.86
CA GLY B 19 -7.09 7.81 0.77
C GLY B 19 -5.91 7.25 1.53
N GLU B 20 -5.29 8.06 2.38
CA GLU B 20 -4.14 7.60 3.14
C GLU B 20 -4.54 7.18 4.54
N GLU B 21 -3.98 6.06 4.98
CA GLU B 21 -4.38 5.43 6.24
C GLU B 21 -3.76 6.13 7.44
N ILE B 22 -4.60 6.47 8.42
CA ILE B 22 -4.13 7.10 9.65
C ILE B 22 -4.63 6.33 10.88
N TYR B 23 -3.77 6.14 11.86
CA TYR B 23 -4.16 5.57 13.15
C TYR B 23 -4.40 6.71 14.13
N LEU B 24 -5.60 6.80 14.65
CA LEU B 24 -5.93 7.85 15.61
C LEU B 24 -6.26 7.23 16.96
N LEU B 25 -5.61 7.70 18.03
CA LEU B 25 -5.95 7.22 19.36
C LEU B 25 -6.86 8.24 20.04
N CYS B 26 -7.94 7.75 20.63
CA CYS B 26 -8.95 8.64 21.20
C CYS B 26 -9.41 8.17 22.56
N ASP B 27 -9.99 9.09 23.33
CA ASP B 27 -10.78 8.67 24.48
C ASP B 27 -11.99 7.89 23.99
N LYS B 28 -12.76 7.31 24.91
CA LYS B 28 -13.74 6.28 24.55
C LYS B 28 -14.84 6.80 23.61
N VAL B 29 -15.04 6.09 22.51
CA VAL B 29 -16.11 6.41 21.57
C VAL B 29 -16.94 5.16 21.30
N GLN B 30 -18.11 5.33 20.68
CA GLN B 30 -18.92 4.20 20.25
C GLN B 30 -18.80 4.11 18.74
N LYS B 31 -18.52 2.92 18.22
CA LYS B 31 -18.08 2.76 16.83
C LYS B 31 -19.08 3.25 15.79
N ASP B 32 -20.37 3.25 16.12
CA ASP B 32 -21.41 3.63 15.17
C ASP B 32 -21.81 5.09 15.32
N ASP B 33 -21.22 5.77 16.30
CA ASP B 33 -21.63 7.13 16.63
C ASP B 33 -20.48 8.11 16.51
N ILE B 34 -19.47 7.79 15.71
CA ILE B 34 -18.28 8.64 15.67
C ILE B 34 -17.91 8.99 14.24
N GLN B 35 -17.50 10.24 14.06
CA GLN B 35 -17.01 10.75 12.79
C GLN B 35 -15.65 11.40 12.99
N ILE B 36 -14.86 11.43 11.92
CA ILE B 36 -13.62 12.20 11.92
C ILE B 36 -13.76 13.26 10.85
N ARG B 37 -13.76 14.52 11.27
CA ARG B 37 -14.06 15.63 10.39
C ARG B 37 -12.83 16.50 10.16
N PHE B 38 -12.43 16.62 8.91
CA PHE B 38 -11.40 17.57 8.48
C PHE B 38 -12.13 18.82 8.05
N TYR B 39 -11.67 19.99 8.46
CA TYR B 39 -12.39 21.20 8.06
C TYR B 39 -11.53 22.44 7.96
N GLU B 40 -12.08 23.44 7.27
CA GLU B 40 -11.36 24.66 6.94
C GLU B 40 -12.34 25.79 6.75
N GLU B 41 -12.23 26.83 7.58
CA GLU B 41 -13.06 28.02 7.43
C GLU B 41 -12.60 28.79 6.21
N GLU B 42 -13.55 29.31 5.44
CA GLU B 42 -13.20 30.06 4.23
C GLU B 42 -13.63 31.52 4.32
N GLU B 43 -13.04 32.36 3.47
CA GLU B 43 -13.21 33.80 3.58
C GLU B 43 -14.67 34.27 3.46
N ASN B 44 -15.43 33.66 2.56
CA ASN B 44 -16.83 34.04 2.36
C ASN B 44 -17.75 33.61 3.50
N GLY B 45 -17.19 32.98 4.54
CA GLY B 45 -17.97 32.56 5.68
C GLY B 45 -18.37 31.09 5.62
N GLY B 46 -18.12 30.46 4.48
CA GLY B 46 -18.41 29.05 4.31
C GLY B 46 -17.39 28.19 5.03
N VAL B 47 -17.65 26.88 5.07
CA VAL B 47 -16.74 25.93 5.69
C VAL B 47 -16.54 24.72 4.80
N TRP B 48 -15.30 24.44 4.42
CA TRP B 48 -15.03 23.18 3.74
C TRP B 48 -14.95 22.07 4.78
N GLU B 49 -15.53 20.91 4.49
CA GLU B 49 -15.39 19.75 5.37
C GLU B 49 -15.18 18.47 4.56
N GLY B 50 -14.41 17.54 5.13
CA GLY B 50 -14.20 16.24 4.54
C GLY B 50 -14.18 15.24 5.67
N PHE B 51 -14.62 14.01 5.41
CA PHE B 51 -14.69 13.04 6.50
C PHE B 51 -13.75 11.87 6.30
N GLY B 52 -13.12 11.44 7.39
CA GLY B 52 -12.30 10.25 7.37
C GLY B 52 -13.15 9.05 6.98
N ASP B 53 -12.58 8.18 6.17
CA ASP B 53 -13.30 7.02 5.64
C ASP B 53 -12.95 5.78 6.44
N PHE B 54 -13.93 5.21 7.15
CA PHE B 54 -13.74 3.99 7.92
C PHE B 54 -15.07 3.30 8.21
N SER B 55 -15.02 2.00 8.42
CA SER B 55 -16.19 1.27 8.86
C SER B 55 -16.07 1.04 10.37
N PRO B 56 -17.20 0.83 11.04
CA PRO B 56 -17.22 0.57 12.48
C PRO B 56 -16.20 -0.48 12.95
N THR B 57 -15.90 -1.47 12.11
CA THR B 57 -14.93 -2.50 12.48
C THR B 57 -13.50 -1.97 12.56
N ASP B 58 -13.29 -0.79 11.99
CA ASP B 58 -11.98 -0.15 12.03
C ASP B 58 -11.78 0.61 13.33
N VAL B 59 -12.84 0.66 14.13
CA VAL B 59 -12.76 1.26 15.45
C VAL B 59 -12.33 0.17 16.42
N HIS B 60 -11.14 0.33 16.97
CA HIS B 60 -10.52 -0.69 17.80
C HIS B 60 -10.88 -0.52 19.27
N ARG B 61 -11.78 -1.37 19.75
CA ARG B 61 -12.14 -1.44 21.16
C ARG B 61 -12.47 -0.08 21.77
N GLN B 62 -13.14 0.77 20.99
CA GLN B 62 -13.62 2.08 21.43
C GLN B 62 -12.50 3.10 21.71
N PHE B 63 -11.23 2.75 21.48
CA PHE B 63 -10.14 3.65 21.86
C PHE B 63 -9.18 4.02 20.73
N ALA B 64 -9.44 3.51 19.53
CA ALA B 64 -8.63 3.90 18.37
C ALA B 64 -9.45 3.75 17.12
N ILE B 65 -9.11 4.56 16.12
CA ILE B 65 -9.77 4.49 14.83
C ILE B 65 -8.72 4.47 13.74
N VAL B 66 -8.81 3.48 12.86
CA VAL B 66 -7.99 3.47 11.66
C VAL B 66 -8.87 3.93 10.49
N PHE B 67 -8.41 4.94 9.75
CA PHE B 67 -9.26 5.54 8.73
C PHE B 67 -8.45 6.07 7.57
N LYS B 68 -9.12 6.32 6.45
CA LYS B 68 -8.47 6.95 5.31
C LYS B 68 -8.85 8.42 5.21
N THR B 69 -7.85 9.25 4.94
CA THR B 69 -8.05 10.68 4.79
C THR B 69 -9.02 11.00 3.66
N PRO B 70 -9.80 12.07 3.82
CA PRO B 70 -10.60 12.56 2.70
C PRO B 70 -9.71 13.28 1.70
N LYS B 71 -10.19 13.35 0.47
CA LYS B 71 -9.64 14.23 -0.55
C LYS B 71 -9.84 15.67 -0.09
N TYR B 72 -8.81 16.49 -0.22
CA TYR B 72 -8.90 17.91 0.07
C TYR B 72 -9.75 18.59 -1.01
N LYS B 73 -10.22 19.79 -0.75
CA LYS B 73 -11.14 20.48 -1.67
C LYS B 73 -10.48 20.82 -3.01
N ASP B 74 -9.16 20.97 -3.00
CA ASP B 74 -8.43 21.37 -4.19
C ASP B 74 -7.14 20.55 -4.32
N VAL B 75 -7.17 19.56 -5.21
CA VAL B 75 -6.02 18.69 -5.41
C VAL B 75 -4.96 19.34 -6.29
N ASN B 76 -5.19 20.60 -6.69
CA ASN B 76 -4.29 21.29 -7.59
C ASN B 76 -3.44 22.36 -6.90
N ILE B 77 -3.50 22.42 -5.57
CA ILE B 77 -2.69 23.39 -4.84
C ILE B 77 -1.21 23.14 -5.08
N THR B 78 -0.42 24.20 -5.04
CA THR B 78 1.00 24.10 -5.28
C THR B 78 1.77 24.24 -3.97
N LYS B 79 1.09 24.75 -2.95
CA LYS B 79 1.66 24.90 -1.62
C LYS B 79 0.74 24.25 -0.60
N PRO B 80 1.32 23.63 0.44
CA PRO B 80 0.54 22.92 1.46
C PRO B 80 -0.54 23.79 2.10
N ALA B 81 -1.66 23.16 2.43
CA ALA B 81 -2.77 23.86 3.07
C ALA B 81 -3.02 23.29 4.46
N SER B 82 -3.21 24.16 5.45
CA SER B 82 -3.45 23.73 6.82
C SER B 82 -4.95 23.61 7.06
N VAL B 83 -5.36 22.54 7.73
CA VAL B 83 -6.75 22.40 8.12
C VAL B 83 -6.81 21.92 9.56
N PHE B 84 -8.02 21.81 10.10
CA PHE B 84 -8.22 21.21 11.42
C PHE B 84 -8.84 19.83 11.26
N VAL B 85 -8.56 18.94 12.20
CA VAL B 85 -9.25 17.66 12.24
C VAL B 85 -9.82 17.49 13.64
N GLN B 86 -11.06 17.00 13.71
CA GLN B 86 -11.73 16.83 14.99
C GLN B 86 -12.55 15.54 14.99
N LEU B 87 -12.69 14.93 16.16
CA LEU B 87 -13.72 13.90 16.34
C LEU B 87 -15.07 14.59 16.41
N ARG B 88 -16.10 13.98 15.85
CA ARG B 88 -17.46 14.46 16.04
C ARG B 88 -18.42 13.29 16.28
N ARG B 89 -19.26 13.43 17.29
CA ARG B 89 -20.26 12.42 17.58
C ARG B 89 -21.47 12.66 16.69
N LYS B 90 -21.94 11.62 16.00
CA LYS B 90 -23.05 11.80 15.07
C LYS B 90 -24.35 12.18 15.78
N SER B 91 -24.58 11.60 16.96
CA SER B 91 -25.86 11.77 17.63
C SER B 91 -26.10 13.18 18.15
N ASP B 92 -25.13 13.79 18.85
CA ASP B 92 -25.35 15.12 19.41
C ASP B 92 -24.42 16.19 18.81
N LEU B 93 -23.61 15.80 17.83
CA LEU B 93 -22.71 16.72 17.12
C LEU B 93 -21.68 17.39 18.03
N GLU B 94 -21.43 16.81 19.20
CA GLU B 94 -20.32 17.28 20.02
C GLU B 94 -19.00 17.01 19.29
N THR B 95 -18.03 17.89 19.47
CA THR B 95 -16.74 17.74 18.83
C THR B 95 -15.60 17.69 19.83
N SER B 96 -14.50 17.03 19.46
CA SER B 96 -13.27 17.13 20.23
C SER B 96 -12.62 18.48 19.97
N GLU B 97 -11.62 18.84 20.77
CA GLU B 97 -10.72 19.93 20.39
C GLU B 97 -10.03 19.53 19.11
N PRO B 98 -9.75 20.50 18.23
CA PRO B 98 -9.13 20.21 16.94
C PRO B 98 -7.65 19.88 17.03
N LYS B 99 -7.17 19.11 16.08
CA LYS B 99 -5.74 18.89 15.89
C LYS B 99 -5.35 19.48 14.54
N PRO B 100 -4.09 19.94 14.42
CA PRO B 100 -3.58 20.46 13.14
C PRO B 100 -3.35 19.36 12.12
N PHE B 101 -3.63 19.65 10.85
CA PHE B 101 -3.35 18.71 9.77
C PHE B 101 -2.89 19.48 8.53
N LEU B 102 -1.84 18.99 7.88
CA LEU B 102 -1.31 19.67 6.71
C LEU B 102 -1.54 18.84 5.45
N TYR B 103 -2.27 19.40 4.49
CA TYR B 103 -2.43 18.77 3.18
C TYR B 103 -1.34 19.26 2.23
N TYR B 104 -0.56 18.34 1.65
CA TYR B 104 0.48 18.75 0.71
C TYR B 104 0.14 18.33 -0.72
N PRO B 105 0.68 19.05 -1.71
CA PRO B 105 0.43 18.74 -3.12
C PRO B 105 0.85 17.33 -3.49
N GLU B 106 0.17 16.75 -4.46
CA GLU B 106 0.57 15.47 -5.03
C GLU B 106 1.91 15.61 -5.73
N ILE B 107 2.83 14.72 -5.42
CA ILE B 107 4.13 14.72 -6.08
C ILE B 107 4.09 13.84 -7.33
N LYS B 108 3.75 14.46 -8.46
CA LYS B 108 3.71 13.73 -9.72
C LYS B 108 5.12 13.33 -10.15
N ASP B 109 5.23 12.19 -10.81
CA ASP B 109 6.50 11.69 -11.35
C ASP B 109 7.63 11.71 -10.33
N LYS B 110 7.47 10.96 -9.24
CA LYS B 110 8.52 10.88 -8.24
C LYS B 110 9.63 9.97 -8.73
N GLU B 111 9.34 9.18 -9.76
CA GLU B 111 10.35 8.34 -10.38
C GLU B 111 11.27 9.17 -11.28
N GLU B 112 10.91 10.44 -11.46
CA GLU B 112 11.68 11.40 -12.27
C GLU B 112 11.81 10.94 -13.72
N VAL B 113 10.73 10.36 -14.25
CA VAL B 113 10.72 9.90 -15.63
C VAL B 113 10.81 11.10 -16.59
N GLN B 114 9.95 12.09 -16.36
CA GLN B 114 9.91 13.27 -17.22
C GLN B 114 11.16 14.11 -17.11
N ARG B 115 11.82 14.06 -15.95
CA ARG B 115 13.06 14.81 -15.76
C ARG B 115 14.18 14.25 -16.63
N LYS B 116 14.12 12.94 -16.89
CA LYS B 116 15.11 12.28 -17.72
C LYS B 116 14.84 12.47 -19.20
N ARG B 117 13.57 12.59 -19.56
CA ARG B 117 13.19 12.79 -20.96
C ARG B 117 13.66 14.16 -21.46
N GLN B 118 13.83 15.10 -20.53
CA GLN B 118 14.26 16.44 -20.88
C GLN B 118 15.78 16.54 -21.01
N LYS B 119 16.48 15.50 -20.57
CA LYS B 119 17.93 15.48 -20.63
C LYS B 119 18.41 15.29 -22.07
N LEU B 120 19.66 15.66 -22.33
CA LEU B 120 20.21 15.57 -23.68
C LEU B 120 21.41 14.62 -23.75
N MET B 121 21.59 14.02 -24.92
CA MET B 121 22.68 13.11 -25.15
C MET B 121 23.47 13.49 -26.39
N PRO B 122 24.72 13.01 -26.48
CA PRO B 122 25.46 12.97 -27.75
C PRO B 122 24.58 12.42 -28.88
N ASN C 3 -4.13 -14.64 26.82
CA ASN C 3 -3.06 -14.58 25.84
C ASN C 3 -2.79 -13.14 25.39
N LEU C 4 -1.87 -12.98 24.44
CA LEU C 4 -1.56 -11.68 23.88
C LEU C 4 -1.80 -11.69 22.38
N LYS C 5 -2.20 -10.54 21.83
CA LYS C 5 -2.47 -10.48 20.41
C LYS C 5 -2.21 -9.09 19.83
N ILE C 6 -1.44 -9.05 18.74
CA ILE C 6 -1.31 -7.85 17.94
C ILE C 6 -2.42 -7.84 16.90
N VAL C 7 -3.28 -6.82 16.94
CA VAL C 7 -4.45 -6.78 16.08
C VAL C 7 -4.15 -5.97 14.81
N ARG C 8 -3.23 -5.02 14.92
CA ARG C 8 -2.91 -4.16 13.79
C ARG C 8 -1.66 -3.35 14.10
N MET C 9 -0.86 -3.08 13.06
CA MET C 9 0.32 -2.22 13.19
C MET C 9 0.37 -1.24 12.02
N ASP C 10 0.60 0.03 12.28
CA ASP C 10 0.60 1.01 11.18
C ASP C 10 1.88 0.95 10.35
N ARG C 11 2.87 0.21 10.82
CA ARG C 11 4.12 0.03 10.07
C ARG C 11 4.68 -1.38 10.29
N THR C 12 5.10 -2.05 9.22
CA THR C 12 5.69 -3.38 9.38
C THR C 12 7.10 -3.43 8.79
N ALA C 13 7.61 -2.25 8.47
CA ALA C 13 9.00 -2.11 8.03
C ALA C 13 9.61 -0.90 8.71
N GLY C 14 10.95 -0.89 8.81
CA GLY C 14 11.66 0.23 9.40
C GLY C 14 13.14 0.22 9.05
N CYS C 15 13.79 1.36 9.18
CA CYS C 15 15.23 1.41 8.90
C CYS C 15 16.00 0.76 10.04
N VAL C 16 17.12 0.14 9.71
CA VAL C 16 17.97 -0.53 10.69
C VAL C 16 18.46 0.40 11.78
N THR C 17 18.42 1.70 11.54
CA THR C 17 18.93 2.66 12.51
C THR C 17 18.03 2.74 13.75
N GLY C 18 16.79 2.28 13.62
CA GLY C 18 15.86 2.29 14.74
C GLY C 18 15.37 3.68 15.06
N GLY C 19 14.62 3.80 16.15
CA GLY C 19 14.13 5.09 16.62
C GLY C 19 12.87 5.56 15.89
N GLU C 20 12.27 4.70 15.09
CA GLU C 20 11.13 5.11 14.28
C GLU C 20 9.81 4.75 14.96
N GLU C 21 8.87 5.68 14.93
CA GLU C 21 7.63 5.55 15.69
C GLU C 21 6.62 4.62 15.02
N ILE C 22 6.04 3.72 15.81
CA ILE C 22 5.02 2.78 15.34
C ILE C 22 3.81 2.76 16.28
N TYR C 23 2.62 2.73 15.68
CA TYR C 23 1.38 2.53 16.42
C TYR C 23 0.94 1.07 16.29
N LEU C 24 0.73 0.42 17.43
CA LEU C 24 0.33 -0.97 17.45
C LEU C 24 -1.01 -1.11 18.19
N LEU C 25 -1.97 -1.81 17.60
CA LEU C 25 -3.24 -2.05 18.27
C LEU C 25 -3.23 -3.47 18.79
N CYS C 26 -3.70 -3.66 20.02
CA CYS C 26 -3.56 -4.97 20.65
C CYS C 26 -4.80 -5.37 21.45
N ASP C 27 -4.89 -6.65 21.77
CA ASP C 27 -5.83 -7.09 22.80
C ASP C 27 -5.38 -6.47 24.12
N LYS C 28 -6.24 -6.50 25.12
CA LYS C 28 -5.99 -5.80 26.37
C LYS C 28 -4.66 -6.20 27.03
N VAL C 29 -3.86 -5.19 27.37
CA VAL C 29 -2.60 -5.40 28.11
C VAL C 29 -2.58 -4.47 29.33
N GLN C 30 -1.63 -4.69 30.23
CA GLN C 30 -1.44 -3.78 31.36
C GLN C 30 -0.14 -3.04 31.12
N LYS C 31 -0.16 -1.73 31.33
CA LYS C 31 0.89 -0.84 30.81
C LYS C 31 2.28 -1.09 31.41
N ASP C 32 2.32 -1.70 32.59
CA ASP C 32 3.58 -1.95 33.27
C ASP C 32 4.06 -3.39 33.10
N ASP C 33 3.25 -4.21 32.44
CA ASP C 33 3.57 -5.63 32.30
C ASP C 33 3.78 -6.04 30.84
N ILE C 34 4.07 -5.09 29.97
CA ILE C 34 4.08 -5.40 28.55
C ILE C 34 5.39 -4.96 27.88
N GLN C 35 5.88 -5.83 27.01
CA GLN C 35 7.07 -5.57 26.20
C GLN C 35 6.75 -5.77 24.74
N ILE C 36 7.53 -5.12 23.88
CA ILE C 36 7.46 -5.38 22.46
C ILE C 36 8.82 -5.92 22.03
N ARG C 37 8.85 -7.20 21.65
CA ARG C 37 10.10 -7.88 21.40
C ARG C 37 10.31 -8.13 19.92
N PHE C 38 11.39 -7.58 19.39
CA PHE C 38 11.85 -7.88 18.03
C PHE C 38 12.88 -8.98 18.15
N TYR C 39 12.86 -9.95 17.25
CA TYR C 39 13.86 -11.03 17.32
C TYR C 39 14.10 -11.71 15.98
N GLU C 40 15.22 -12.41 15.89
CA GLU C 40 15.60 -13.08 14.65
C GLU C 40 16.35 -14.37 14.96
N GLU C 41 15.76 -15.51 14.58
CA GLU C 41 16.33 -16.81 14.92
C GLU C 41 17.21 -17.38 13.80
N GLU C 42 18.53 -17.25 13.94
CA GLU C 42 19.45 -17.98 13.08
C GLU C 42 19.58 -19.42 13.56
N GLU C 43 20.11 -20.30 12.73
CA GLU C 43 20.53 -21.61 13.24
C GLU C 43 21.75 -21.37 14.11
N ASN C 44 21.56 -21.35 15.43
CA ASN C 44 22.56 -20.76 16.30
C ASN C 44 22.59 -21.16 17.78
N GLY C 45 21.49 -20.99 18.50
CA GLY C 45 21.48 -21.39 19.90
C GLY C 45 21.06 -20.30 20.85
N GLY C 46 21.36 -19.05 20.46
CA GLY C 46 20.92 -17.90 21.22
C GLY C 46 20.55 -16.72 20.34
N VAL C 47 19.25 -16.43 20.25
CA VAL C 47 18.68 -15.45 19.31
C VAL C 47 19.28 -14.02 19.37
N TRP C 48 19.10 -13.24 18.30
CA TRP C 48 19.22 -11.78 18.42
C TRP C 48 17.87 -11.21 18.82
N GLU C 49 17.87 -10.27 19.76
CA GLU C 49 16.63 -9.61 20.15
C GLU C 49 16.83 -8.12 20.41
N GLY C 50 15.77 -7.36 20.20
CA GLY C 50 15.74 -5.95 20.52
C GLY C 50 14.34 -5.63 21.00
N PHE C 51 14.18 -4.53 21.72
CA PHE C 51 12.88 -4.20 22.31
C PHE C 51 12.36 -2.85 21.87
N GLY C 52 11.05 -2.76 21.67
CA GLY C 52 10.41 -1.49 21.36
C GLY C 52 10.61 -0.52 22.51
N ASP C 53 10.83 0.74 22.18
CA ASP C 53 11.09 1.77 23.17
C ASP C 53 9.84 2.59 23.43
N PHE C 54 9.33 2.50 24.66
CA PHE C 54 8.14 3.25 25.06
C PHE C 54 8.02 3.27 26.58
N SER C 55 7.33 4.26 27.11
CA SER C 55 7.05 4.31 28.54
C SER C 55 5.62 3.80 28.76
N PRO C 56 5.29 3.42 30.01
CA PRO C 56 3.93 2.96 30.29
C PRO C 56 2.86 3.98 29.88
N THR C 57 3.20 5.27 29.88
CA THR C 57 2.24 6.30 29.47
C THR C 57 1.94 6.23 27.96
N ASP C 58 2.79 5.54 27.21
CA ASP C 58 2.58 5.36 25.77
C ASP C 58 1.62 4.22 25.45
N VAL C 59 1.22 3.48 26.49
CA VAL C 59 0.22 2.44 26.35
C VAL C 59 -1.15 3.10 26.50
N HIS C 60 -1.90 3.11 25.42
CA HIS C 60 -3.13 3.90 25.35
C HIS C 60 -4.33 3.10 25.76
N ARG C 61 -4.81 3.34 26.98
CA ARG C 61 -6.05 2.75 27.48
C ARG C 61 -6.06 1.23 27.37
N GLN C 62 -4.87 0.64 27.54
CA GLN C 62 -4.65 -0.81 27.51
C GLN C 62 -4.88 -1.50 26.16
N PHE C 63 -5.16 -0.73 25.10
CA PHE C 63 -5.50 -1.35 23.82
C PHE C 63 -4.62 -0.91 22.64
N ALA C 64 -3.65 -0.07 22.92
CA ALA C 64 -2.74 0.40 21.88
C ALA C 64 -1.41 0.81 22.49
N ILE C 65 -0.34 0.68 21.73
CA ILE C 65 0.98 1.08 22.17
C ILE C 65 1.68 1.89 21.10
N VAL C 66 2.16 3.07 21.46
CA VAL C 66 3.00 3.85 20.57
C VAL C 66 4.45 3.70 21.02
N PHE C 67 5.30 3.20 20.15
CA PHE C 67 6.68 2.91 20.53
C PHE C 67 7.65 3.23 19.40
N LYS C 68 8.94 3.30 19.72
CA LYS C 68 9.99 3.45 18.73
C LYS C 68 10.72 2.13 18.53
N THR C 69 11.09 1.85 17.28
CA THR C 69 11.82 0.64 16.95
C THR C 69 13.20 0.63 17.56
N PRO C 70 13.67 -0.56 17.97
CA PRO C 70 15.06 -0.68 18.39
C PRO C 70 15.97 -0.65 17.17
N LYS C 71 17.23 -0.33 17.39
CA LYS C 71 18.24 -0.47 16.36
C LYS C 71 18.39 -1.94 16.00
N TYR C 72 18.52 -2.25 14.72
CA TYR C 72 18.79 -3.63 14.32
C TYR C 72 20.24 -3.96 14.66
N LYS C 73 20.59 -5.25 14.65
CA LYS C 73 21.92 -5.66 15.08
C LYS C 73 23.00 -5.14 14.13
N ASP C 74 22.72 -5.14 12.84
CA ASP C 74 23.71 -4.67 11.86
C ASP C 74 23.17 -3.48 11.06
N VAL C 75 23.67 -2.30 11.39
CA VAL C 75 23.22 -1.09 10.70
C VAL C 75 23.91 -0.90 9.35
N ASN C 76 24.75 -1.85 8.97
CA ASN C 76 25.51 -1.75 7.73
C ASN C 76 25.09 -2.77 6.67
N ILE C 77 23.94 -3.40 6.87
CA ILE C 77 23.44 -4.35 5.89
C ILE C 77 23.12 -3.65 4.58
N THR C 78 23.13 -4.41 3.49
CA THR C 78 22.88 -3.87 2.17
C THR C 78 21.62 -4.49 1.58
N LYS C 79 21.15 -5.55 2.22
CA LYS C 79 19.91 -6.21 1.84
C LYS C 79 19.00 -6.22 3.07
N PRO C 80 17.68 -6.08 2.86
CA PRO C 80 16.74 -6.02 3.99
C PRO C 80 16.77 -7.30 4.82
N ALA C 81 16.62 -7.17 6.13
CA ALA C 81 16.62 -8.33 7.02
C ALA C 81 15.22 -8.59 7.58
N SER C 82 14.74 -9.82 7.44
CA SER C 82 13.42 -10.19 7.94
C SER C 82 13.51 -10.67 9.38
N VAL C 83 12.78 -9.99 10.25
CA VAL C 83 12.75 -10.38 11.66
C VAL C 83 11.31 -10.57 12.11
N PHE C 84 11.11 -10.78 13.39
CA PHE C 84 9.77 -10.94 13.91
C PHE C 84 9.54 -10.00 15.08
N VAL C 85 8.28 -9.65 15.28
CA VAL C 85 7.92 -8.79 16.40
C VAL C 85 6.76 -9.46 17.16
N GLN C 86 6.81 -9.38 18.48
CA GLN C 86 5.78 -9.98 19.31
C GLN C 86 5.62 -9.17 20.58
N LEU C 87 4.41 -9.23 21.14
CA LEU C 87 4.18 -8.76 22.50
C LEU C 87 4.71 -9.81 23.45
N ARG C 88 5.25 -9.38 24.57
CA ARG C 88 5.62 -10.29 25.64
C ARG C 88 5.24 -9.69 26.97
N ARG C 89 4.65 -10.51 27.83
CA ARG C 89 4.28 -10.08 29.15
C ARG C 89 5.49 -10.27 30.08
N LYS C 90 5.83 -9.24 30.84
CA LYS C 90 7.00 -9.32 31.72
C LYS C 90 6.83 -10.35 32.83
N SER C 91 5.65 -10.42 33.43
CA SER C 91 5.45 -11.25 34.62
C SER C 91 5.57 -12.74 34.33
N ASP C 92 4.96 -13.25 33.26
CA ASP C 92 5.00 -14.70 33.01
C ASP C 92 5.68 -15.06 31.68
N LEU C 93 6.23 -14.07 31.00
CA LEU C 93 6.97 -14.26 29.74
C LEU C 93 6.14 -14.88 28.62
N GLU C 94 4.82 -14.84 28.72
CA GLU C 94 3.98 -15.29 27.63
C GLU C 94 4.10 -14.32 26.45
N THR C 95 3.96 -14.84 25.24
CA THR C 95 4.14 -14.04 24.04
C THR C 95 2.95 -14.12 23.10
N SER C 96 2.77 -13.07 22.29
CA SER C 96 1.79 -13.13 21.22
C SER C 96 2.38 -13.93 20.07
N GLU C 97 1.54 -14.30 19.12
CA GLU C 97 2.03 -14.85 17.87
C GLU C 97 2.86 -13.77 17.18
N PRO C 98 3.98 -14.16 16.56
CA PRO C 98 4.89 -13.20 15.93
C PRO C 98 4.38 -12.64 14.60
N LYS C 99 4.62 -11.36 14.37
CA LYS C 99 4.34 -10.75 13.07
C LYS C 99 5.67 -10.53 12.36
N PRO C 100 5.69 -10.68 11.03
CA PRO C 100 6.91 -10.38 10.27
C PRO C 100 7.24 -8.89 10.31
N PHE C 101 8.51 -8.55 10.45
CA PHE C 101 8.92 -7.17 10.39
C PHE C 101 10.17 -7.05 9.52
N LEU C 102 10.18 -6.06 8.64
CA LEU C 102 11.29 -5.89 7.70
C LEU C 102 12.17 -4.71 8.09
N TYR C 103 13.44 -4.98 8.38
CA TYR C 103 14.43 -3.93 8.56
C TYR C 103 15.11 -3.65 7.22
N TYR C 104 15.07 -2.41 6.76
CA TYR C 104 15.71 -2.10 5.50
C TYR C 104 16.97 -1.25 5.69
N PRO C 105 17.90 -1.30 4.72
CA PRO C 105 19.19 -0.60 4.86
C PRO C 105 19.07 0.91 4.99
N GLU C 106 20.07 1.51 5.63
CA GLU C 106 20.15 2.96 5.79
C GLU C 106 20.70 3.61 4.52
N ILE C 107 20.18 4.78 4.17
CA ILE C 107 20.73 5.58 3.09
C ILE C 107 21.73 6.59 3.67
N LYS C 108 23.01 6.23 3.65
CA LYS C 108 24.05 7.01 4.31
C LYS C 108 24.77 7.96 3.37
N ASP C 109 24.06 8.98 2.90
CA ASP C 109 24.64 10.05 2.08
C ASP C 109 23.77 11.29 2.19
N LYS C 110 24.41 12.45 2.33
CA LYS C 110 23.72 13.73 2.52
C LYS C 110 22.78 13.67 3.73
C1 HT3 D . -9.28 26.95 11.55
O1 HT3 D . -10.48 27.68 11.83
C2 HT3 D . -9.29 26.49 10.12
O2 HT3 D . -10.23 27.30 9.41
C3 HT3 D . -7.88 26.64 9.55
O3 HT3 D . -7.07 25.54 9.90
C4 HT3 D . -7.94 26.75 8.05
C5 HT3 D . -6.54 27.23 7.51
C6 HT3 D . -6.69 27.65 6.00
C7 HT3 D . -5.39 27.28 5.24
#